data_6N5A
#
_entry.id   6N5A
#
_cell.length_a   87.404
_cell.length_b   87.404
_cell.length_c   524.848
_cell.angle_alpha   90.00
_cell.angle_beta   90.00
_cell.angle_gamma   120.00
#
_symmetry.space_group_name_H-M   'P 63 2 2'
#
loop_
_entity.id
_entity.type
_entity.pdbx_description
1 polymer 'HEMAGGLUTININ HA1 SUBUNIT'
2 polymer 'HEMAGGLUTININ HA2 SUBUNIT'
3 non-polymer 2-acetamido-2-deoxy-beta-D-glucopyranose
4 non-polymer 'TRIETHYLENE GLYCOL'
5 non-polymer DI(HYDROXYETHYL)ETHER
6 non-polymer 1,2-ETHANEDIOL
7 non-polymer 'TETRAETHYLENE GLYCOL'
8 non-polymer 'SULFATE ION'
9 water water
#
loop_
_entity_poly.entity_id
_entity_poly.type
_entity_poly.pdbx_seq_one_letter_code
_entity_poly.pdbx_strand_id
1 'polypeptide(L)'
;ADPGDKICLGHHAVSNGTKVDTLTEKGIEVVNATETVEQKNIPKICSKGKQTIDLGQCGLLGTTIGPPQCDQFLEFSANL
IIERREGDDICYPGKFDNEETLRKILRKSGGIKKENMGFTYTGVRTNGETSACRRSRSSFYAEMKWLLSNTDNGVFPQMT
KSYKNTKREPALIIWGIHHSGSTAEQTRLYGSGNKLITVWSSKYQQSFAPSPGPRPQINGQSGRIDFYWLMLDPNDTVTF
SFNGAFIAPDRASFLRGKSLGIQSDAQLDNNCEGECYHIGGTIISNLPFQNINSRAIGKCPRYVKQKSLMLATGMKNVPE
NSTHKQLTHHMRKKR
;
A
2 'polypeptide(L)'
;GLFGAIAGFIENGWEGLIDGWYGYRHQNAQGEGTAADYKSTQSAINQITGKLNRLIEKTNQQFELIDNEFNEIEKQIGNV
INWTRDSIIEVWSYNAEFLVAVENQHTIDLTDSEMNKLYEKVRRQLRENAEEDGNGCFEIFHQCDNDCMASIRNNTYDHK
KYRKEAIQNRIQIDAVKLESGRLVPR
;
B
#
# COMPACT_ATOMS: atom_id res chain seq x y z
N ASP A 5 37.35 20.41 44.19
CA ASP A 5 37.00 19.34 45.16
C ASP A 5 36.64 18.03 44.42
N LYS A 6 35.66 18.03 43.49
CA LYS A 6 35.23 16.82 42.70
C LYS A 6 34.40 17.17 41.45
N ILE A 7 34.31 16.22 40.49
CA ILE A 7 33.52 16.29 39.22
C ILE A 7 32.73 14.98 39.03
N CYS A 8 31.59 15.05 38.33
CA CYS A 8 30.55 13.98 38.33
C CYS A 8 29.94 13.77 36.93
N LEU A 9 29.88 12.50 36.47
CA LEU A 9 29.38 12.11 35.13
C LEU A 9 27.99 11.46 35.25
N GLY A 10 27.13 11.71 34.25
CA GLY A 10 25.77 11.15 34.14
C GLY A 10 25.06 11.58 32.87
N HIS A 11 23.77 11.24 32.76
CA HIS A 11 22.95 11.36 31.54
C HIS A 11 21.63 12.06 31.88
N HIS A 12 20.84 12.45 30.89
CA HIS A 12 19.56 13.19 31.11
C HIS A 12 18.39 12.22 31.30
N ALA A 13 17.19 12.76 31.52
CA ALA A 13 15.91 12.04 31.78
C ALA A 13 14.75 13.06 31.86
N VAL A 14 13.52 12.62 31.61
CA VAL A 14 12.27 13.29 32.08
C VAL A 14 11.34 12.18 32.57
N SER A 15 10.39 12.46 33.47
CA SER A 15 9.50 11.41 34.08
C SER A 15 8.16 11.37 33.33
N ASN A 16 8.03 12.20 32.28
CA ASN A 16 7.20 11.95 31.08
C ASN A 16 8.02 11.02 30.15
N GLY A 17 8.05 9.71 30.44
CA GLY A 17 8.86 8.72 29.70
C GLY A 17 7.99 8.03 28.66
N THR A 18 8.60 7.30 27.70
CA THR A 18 7.85 6.49 26.70
C THR A 18 8.27 5.01 26.82
N LYS A 19 7.29 4.11 26.77
CA LYS A 19 7.49 2.65 26.89
C LYS A 19 7.88 2.10 25.51
N VAL A 20 8.88 1.21 25.45
CA VAL A 20 9.24 0.41 24.23
C VAL A 20 9.50 -1.03 24.67
N ASP A 21 9.68 -1.94 23.72
CA ASP A 21 9.95 -3.37 24.01
C ASP A 21 11.32 -3.72 23.42
N THR A 22 11.93 -4.79 23.94
CA THR A 22 13.22 -5.34 23.43
C THR A 22 13.17 -6.87 23.42
N LEU A 23 14.25 -7.49 22.94
CA LEU A 23 14.47 -8.96 22.97
C LEU A 23 14.28 -9.44 24.40
N THR A 24 14.71 -8.61 25.35
CA THR A 24 14.91 -8.96 26.78
C THR A 24 13.69 -8.56 27.64
N GLU A 25 12.89 -7.58 27.24
CA GLU A 25 11.92 -6.97 28.20
C GLU A 25 10.75 -6.25 27.49
N LYS A 26 9.58 -6.33 28.12
CA LYS A 26 8.29 -5.78 27.63
C LYS A 26 7.99 -4.49 28.39
N GLY A 27 8.32 -3.32 27.83
CA GLY A 27 7.80 -2.04 28.34
C GLY A 27 8.85 -1.25 29.09
N ILE A 28 10.12 -1.35 28.68
CA ILE A 28 11.24 -0.47 29.13
C ILE A 28 10.86 0.99 28.87
N GLU A 29 11.13 1.90 29.80
CA GLU A 29 10.86 3.36 29.62
C GLU A 29 12.10 4.03 29.01
N VAL A 30 11.92 4.93 28.03
CA VAL A 30 13.04 5.67 27.37
C VAL A 30 12.69 7.15 27.18
N VAL A 31 13.72 7.94 26.86
CA VAL A 31 13.69 9.43 26.74
C VAL A 31 12.71 9.83 25.62
N ASN A 32 13.08 9.58 24.36
CA ASN A 32 12.26 9.84 23.14
C ASN A 32 12.06 8.47 22.49
N ALA A 33 10.96 8.31 21.77
CA ALA A 33 10.63 7.06 21.05
C ALA A 33 9.61 7.40 19.97
N THR A 34 9.58 6.66 18.89
CA THR A 34 8.68 6.98 17.76
C THR A 34 7.87 5.75 17.34
N GLU A 35 6.67 6.05 16.84
CA GLU A 35 5.79 5.08 16.14
C GLU A 35 6.40 4.76 14.78
N THR A 36 6.55 3.47 14.47
CA THR A 36 6.96 2.97 13.12
C THR A 36 5.76 2.45 12.32
N VAL A 37 4.58 2.37 12.95
CA VAL A 37 3.34 1.74 12.41
C VAL A 37 2.30 2.83 12.15
N GLU A 38 2.30 3.42 10.95
CA GLU A 38 1.35 4.48 10.55
C GLU A 38 -0.07 3.95 10.72
N GLN A 39 -0.90 4.62 11.53
CA GLN A 39 -2.37 4.33 11.62
C GLN A 39 -3.19 5.58 11.30
N LYS A 40 -2.61 6.63 10.74
CA LYS A 40 -3.44 7.82 10.41
C LYS A 40 -3.78 7.78 8.93
N ASN A 41 -5.07 7.63 8.62
CA ASN A 41 -5.55 7.53 7.23
C ASN A 41 -5.81 8.93 6.69
N ILE A 42 -5.73 9.10 5.38
CA ILE A 42 -6.35 10.26 4.66
C ILE A 42 -7.62 9.72 4.02
N PRO A 43 -8.82 10.13 4.47
CA PRO A 43 -10.06 9.68 3.84
C PRO A 43 -10.30 10.45 2.55
N LYS A 44 -9.30 10.49 1.68
CA LYS A 44 -9.39 11.06 0.32
C LYS A 44 -8.59 10.14 -0.60
N ILE A 45 -8.87 10.21 -1.90
CA ILE A 45 -7.99 9.62 -2.94
C ILE A 45 -7.09 10.76 -3.44
N CYS A 46 -5.84 10.75 -2.98
CA CYS A 46 -4.90 11.85 -3.25
C CYS A 46 -4.35 11.67 -4.66
N SER A 47 -4.94 12.41 -5.58
CA SER A 47 -4.86 12.13 -7.03
C SER A 47 -4.07 13.19 -7.79
N LYS A 48 -3.29 14.04 -7.12
CA LYS A 48 -2.73 15.23 -7.83
C LYS A 48 -1.72 14.75 -8.89
N GLY A 49 -1.80 15.39 -10.07
CA GLY A 49 -0.91 15.16 -11.23
C GLY A 49 -0.71 13.69 -11.51
N LYS A 50 -1.83 12.96 -11.53
CA LYS A 50 -2.00 11.56 -12.00
C LYS A 50 -3.30 11.57 -12.80
N GLN A 51 -3.34 11.11 -14.07
CA GLN A 51 -4.62 11.20 -14.83
C GLN A 51 -5.61 10.25 -14.15
N THR A 52 -6.64 10.81 -13.53
CA THR A 52 -7.51 10.03 -12.64
C THR A 52 -8.90 10.01 -13.22
N ILE A 53 -9.43 8.80 -13.41
CA ILE A 53 -10.82 8.53 -13.85
C ILE A 53 -11.60 7.99 -12.65
N ASP A 54 -12.80 8.54 -12.41
CA ASP A 54 -13.70 8.04 -11.35
C ASP A 54 -14.88 7.39 -12.04
N LEU A 55 -14.93 6.06 -12.06
CA LEU A 55 -15.99 5.34 -12.82
C LEU A 55 -17.34 5.61 -12.15
N GLY A 56 -17.35 5.91 -10.86
CA GLY A 56 -18.62 6.06 -10.14
C GLY A 56 -19.53 4.92 -10.57
N GLN A 57 -20.70 5.22 -11.12
CA GLN A 57 -21.72 4.20 -11.47
C GLN A 57 -21.21 3.27 -12.57
N CYS A 58 -20.26 3.71 -13.38
CA CYS A 58 -19.70 2.88 -14.47
C CYS A 58 -18.95 1.71 -13.86
N GLY A 59 -19.30 0.51 -14.27
CA GLY A 59 -18.49 -0.71 -14.07
C GLY A 59 -17.20 -0.68 -14.88
N LEU A 60 -16.12 -1.14 -14.28
CA LEU A 60 -14.84 -1.13 -15.02
C LEU A 60 -14.98 -1.96 -16.30
N LEU A 61 -15.56 -3.17 -16.20
CA LEU A 61 -15.77 -4.05 -17.39
C LEU A 61 -16.75 -3.37 -18.33
N GLY A 62 -17.56 -2.47 -17.80
CA GLY A 62 -18.58 -1.76 -18.58
C GLY A 62 -17.97 -0.80 -19.60
N THR A 63 -16.79 -0.28 -19.32
CA THR A 63 -16.08 0.56 -20.31
C THR A 63 -15.86 -0.22 -21.60
N THR A 64 -15.77 -1.56 -21.57
CA THR A 64 -15.47 -2.32 -22.81
C THR A 64 -16.72 -2.57 -23.66
N ILE A 65 -17.94 -2.49 -23.11
CA ILE A 65 -19.16 -2.91 -23.86
C ILE A 65 -20.17 -1.77 -23.92
N GLY A 66 -20.17 -0.90 -22.91
CA GLY A 66 -20.77 0.44 -22.98
C GLY A 66 -22.23 0.45 -22.59
N PRO A 67 -22.57 0.10 -21.34
CA PRO A 67 -23.91 0.38 -20.87
C PRO A 67 -23.96 1.89 -20.75
N PRO A 68 -25.14 2.51 -20.60
CA PRO A 68 -25.26 3.96 -20.41
C PRO A 68 -24.33 4.57 -19.37
N GLN A 69 -24.31 3.94 -18.21
CA GLN A 69 -23.46 4.44 -17.11
C GLN A 69 -22.06 4.64 -17.66
N CYS A 70 -21.68 4.00 -18.74
CA CYS A 70 -20.26 3.99 -19.05
C CYS A 70 -19.96 4.84 -20.28
N ASP A 71 -20.90 5.62 -20.81
CA ASP A 71 -20.74 6.22 -22.16
C ASP A 71 -19.61 7.26 -22.18
N GLN A 72 -19.28 7.76 -21.00
CA GLN A 72 -18.23 8.76 -20.77
C GLN A 72 -16.86 8.12 -20.74
N PHE A 73 -16.77 6.80 -20.88
CA PHE A 73 -15.50 6.11 -20.61
C PHE A 73 -15.22 5.07 -21.68
N LEU A 74 -16.05 4.99 -22.71
CA LEU A 74 -15.82 3.97 -23.76
C LEU A 74 -14.38 4.02 -24.22
N GLU A 75 -13.67 5.14 -24.08
CA GLU A 75 -12.28 5.28 -24.59
C GLU A 75 -11.43 5.88 -23.49
N PHE A 76 -11.82 5.69 -22.25
CA PHE A 76 -11.16 6.32 -21.07
C PHE A 76 -9.64 6.17 -21.15
N SER A 77 -8.97 7.14 -20.57
CA SER A 77 -7.49 7.29 -20.57
C SER A 77 -7.06 7.80 -19.19
N ALA A 78 -6.21 7.04 -18.48
CA ALA A 78 -5.95 7.29 -17.05
C ALA A 78 -4.73 6.50 -16.57
N ASN A 79 -4.02 7.08 -15.58
CA ASN A 79 -2.92 6.42 -14.83
C ASN A 79 -3.55 5.79 -13.60
N LEU A 80 -4.64 6.40 -13.13
CA LEU A 80 -5.30 5.95 -11.88
C LEU A 80 -6.79 5.77 -12.12
N ILE A 81 -7.25 4.53 -12.03
CA ILE A 81 -8.63 4.10 -12.28
C ILE A 81 -9.27 3.82 -10.93
N ILE A 82 -10.35 4.52 -10.65
CA ILE A 82 -11.10 4.33 -9.38
C ILE A 82 -12.42 3.63 -9.69
N GLU A 83 -12.46 2.38 -9.28
CA GLU A 83 -13.65 1.53 -9.27
C GLU A 83 -14.48 1.91 -8.06
N ARG A 84 -15.79 2.11 -8.20
CA ARG A 84 -16.66 2.47 -7.05
C ARG A 84 -17.61 1.34 -6.68
N ARG A 85 -17.99 1.30 -5.41
CA ARG A 85 -18.91 0.30 -4.83
C ARG A 85 -20.20 0.34 -5.64
N GLU A 86 -20.65 1.53 -6.02
CA GLU A 86 -21.95 1.68 -6.72
C GLU A 86 -21.82 1.23 -8.18
N GLY A 87 -20.60 1.01 -8.66
CA GLY A 87 -20.32 0.92 -10.10
C GLY A 87 -20.74 -0.42 -10.62
N ASP A 88 -21.34 -0.48 -11.83
CA ASP A 88 -21.99 -1.72 -12.31
C ASP A 88 -21.79 -1.88 -13.82
N ASP A 89 -21.29 -3.04 -14.25
CA ASP A 89 -20.68 -3.24 -15.59
C ASP A 89 -21.75 -3.43 -16.66
N ILE A 90 -23.00 -3.70 -16.34
CA ILE A 90 -23.93 -4.12 -17.42
C ILE A 90 -25.24 -3.39 -17.31
N CYS A 91 -26.19 -3.67 -18.18
CA CYS A 91 -27.55 -3.14 -18.03
C CYS A 91 -28.54 -4.28 -18.22
N TYR A 92 -28.68 -4.84 -19.42
CA TYR A 92 -29.37 -6.15 -19.53
C TYR A 92 -28.58 -7.14 -18.68
N PRO A 93 -29.27 -7.79 -17.71
CA PRO A 93 -28.59 -8.54 -16.66
C PRO A 93 -27.71 -9.61 -17.31
N GLY A 94 -26.53 -9.80 -16.75
CA GLY A 94 -25.61 -10.88 -17.11
C GLY A 94 -24.29 -10.69 -16.41
N LYS A 95 -23.40 -11.66 -16.54
CA LYS A 95 -22.03 -11.64 -15.96
C LYS A 95 -21.02 -11.54 -17.12
N PHE A 96 -19.78 -11.12 -16.83
CA PHE A 96 -18.61 -11.38 -17.69
C PHE A 96 -17.98 -12.69 -17.28
N ASP A 97 -17.28 -13.41 -18.16
CA ASP A 97 -16.62 -14.71 -17.78
C ASP A 97 -15.18 -14.39 -17.37
N ASN A 98 -14.55 -15.15 -16.48
CA ASN A 98 -13.28 -14.74 -15.77
C ASN A 98 -13.30 -13.21 -15.67
N GLU A 99 -14.34 -12.68 -15.07
CA GLU A 99 -14.57 -11.21 -15.03
C GLU A 99 -13.38 -10.59 -14.30
N GLU A 100 -12.92 -11.25 -13.26
CA GLU A 100 -11.89 -10.68 -12.39
C GLU A 100 -10.56 -10.73 -13.14
N THR A 101 -10.21 -11.79 -13.85
CA THR A 101 -9.00 -11.77 -14.70
C THR A 101 -9.07 -10.53 -15.60
N LEU A 102 -10.24 -10.30 -16.18
CA LEU A 102 -10.42 -9.22 -17.17
C LEU A 102 -10.30 -7.91 -16.43
N ARG A 103 -10.75 -7.83 -15.19
CA ARG A 103 -10.66 -6.57 -14.42
C ARG A 103 -9.19 -6.28 -14.18
N LYS A 104 -8.44 -7.30 -13.78
CA LYS A 104 -7.03 -7.12 -13.34
C LYS A 104 -6.32 -6.52 -14.56
N ILE A 105 -6.70 -6.97 -15.77
CA ILE A 105 -6.10 -6.53 -17.06
C ILE A 105 -6.36 -5.05 -17.23
N LEU A 106 -7.62 -4.68 -17.16
CA LEU A 106 -8.10 -3.30 -17.43
C LEU A 106 -7.60 -2.36 -16.36
N ARG A 107 -7.51 -2.82 -15.12
CA ARG A 107 -7.04 -1.98 -14.00
C ARG A 107 -5.63 -1.44 -14.29
N LYS A 108 -4.88 -2.12 -15.14
CA LYS A 108 -3.45 -1.82 -15.40
C LYS A 108 -3.31 -1.33 -16.84
N SER A 109 -4.44 -1.05 -17.50
CA SER A 109 -4.54 -0.94 -18.98
C SER A 109 -4.09 0.44 -19.43
N GLY A 110 -4.10 1.40 -18.53
CA GLY A 110 -3.92 2.81 -18.90
C GLY A 110 -5.14 3.36 -19.61
N GLY A 111 -6.25 2.64 -19.58
CA GLY A 111 -7.43 2.99 -20.38
C GLY A 111 -7.43 2.19 -21.67
N ILE A 112 -8.32 2.53 -22.58
CA ILE A 112 -8.64 1.66 -23.73
C ILE A 112 -8.92 2.59 -24.87
N LYS A 113 -8.39 2.31 -26.04
CA LYS A 113 -8.82 2.98 -27.28
C LYS A 113 -9.82 2.02 -27.93
N LYS A 114 -10.91 2.51 -28.47
CA LYS A 114 -11.84 1.62 -29.19
C LYS A 114 -11.45 1.67 -30.66
N GLU A 115 -11.48 0.55 -31.33
CA GLU A 115 -11.30 0.53 -32.79
C GLU A 115 -12.43 -0.26 -33.39
N ASN A 116 -12.92 0.21 -34.52
CA ASN A 116 -13.95 -0.49 -35.28
C ASN A 116 -13.50 -1.88 -35.72
N MET A 117 -14.37 -2.89 -35.61
CA MET A 117 -14.11 -4.29 -36.07
C MET A 117 -14.68 -4.45 -37.49
N GLY A 118 -15.58 -3.56 -37.88
CA GLY A 118 -15.99 -3.45 -39.29
C GLY A 118 -16.89 -4.58 -39.72
N PHE A 119 -17.57 -5.23 -38.79
CA PHE A 119 -18.76 -6.08 -39.11
C PHE A 119 -19.88 -5.22 -39.68
N THR A 120 -20.60 -5.80 -40.60
CA THR A 120 -21.96 -5.34 -40.95
C THR A 120 -22.67 -6.55 -41.48
N TYR A 121 -23.99 -6.46 -41.37
CA TYR A 121 -24.88 -7.63 -41.41
C TYR A 121 -25.86 -7.44 -42.54
N THR A 122 -26.46 -8.54 -42.97
CA THR A 122 -27.59 -8.45 -43.92
C THR A 122 -28.53 -9.62 -43.67
N GLY A 123 -29.83 -9.32 -43.74
CA GLY A 123 -30.95 -10.24 -43.48
C GLY A 123 -31.07 -10.56 -42.00
N VAL A 124 -30.47 -9.70 -41.18
CA VAL A 124 -30.79 -9.69 -39.73
C VAL A 124 -31.09 -8.24 -39.27
N ARG A 125 -32.07 -8.05 -38.41
CA ARG A 125 -32.09 -6.85 -37.57
C ARG A 125 -30.74 -6.78 -36.84
N THR A 126 -30.27 -5.58 -36.63
CA THR A 126 -28.98 -5.27 -35.99
C THR A 126 -29.26 -4.42 -34.76
N ASN A 127 -30.49 -3.97 -34.63
CA ASN A 127 -30.90 -2.74 -33.90
C ASN A 127 -31.58 -3.13 -32.59
N GLY A 128 -31.36 -4.36 -32.16
CA GLY A 128 -32.11 -4.93 -31.03
C GLY A 128 -31.69 -4.22 -29.79
N GLU A 129 -32.66 -3.87 -28.94
CA GLU A 129 -32.43 -2.95 -27.80
C GLU A 129 -33.38 -3.36 -26.68
N THR A 130 -33.33 -2.61 -25.58
CA THR A 130 -33.88 -2.99 -24.25
C THR A 130 -34.00 -1.76 -23.32
N SER A 131 -35.19 -1.59 -22.75
CA SER A 131 -35.47 -0.64 -21.63
C SER A 131 -34.49 -0.83 -20.47
N ALA A 132 -33.81 -1.97 -20.40
CA ALA A 132 -32.76 -2.19 -19.39
C ALA A 132 -31.64 -1.17 -19.62
N CYS A 133 -31.32 -0.88 -20.89
CA CYS A 133 -30.17 -0.01 -21.24
C CYS A 133 -30.73 1.23 -21.88
N ARG A 134 -31.29 2.16 -21.11
CA ARG A 134 -31.99 3.30 -21.77
C ARG A 134 -31.05 4.48 -21.75
N ARG A 135 -31.04 5.29 -22.77
CA ARG A 135 -30.21 6.45 -22.78
C ARG A 135 -31.22 7.57 -22.79
N SER A 136 -32.13 7.45 -23.70
CA SER A 136 -33.23 8.35 -23.86
C SER A 136 -34.36 7.42 -24.20
N ARG A 137 -34.09 6.38 -24.98
CA ARG A 137 -35.08 5.43 -25.34
C ARG A 137 -34.51 4.03 -25.32
N SER A 138 -35.32 3.05 -24.97
CA SER A 138 -34.75 1.69 -25.04
C SER A 138 -33.50 1.81 -25.92
N SER A 139 -32.34 1.44 -25.41
CA SER A 139 -31.07 1.38 -26.20
C SER A 139 -30.40 0.01 -25.98
N PHE A 140 -29.08 -0.10 -26.19
CA PHE A 140 -28.37 -1.39 -25.94
C PHE A 140 -26.95 -1.07 -25.57
N TYR A 141 -26.02 -2.02 -25.53
CA TYR A 141 -24.62 -1.68 -25.21
C TYR A 141 -23.99 -0.94 -26.41
N ALA A 142 -23.09 -0.02 -26.10
CA ALA A 142 -22.56 0.94 -27.10
C ALA A 142 -21.83 0.16 -28.18
N GLU A 143 -21.06 -0.80 -27.71
CA GLU A 143 -19.99 -1.41 -28.50
C GLU A 143 -20.53 -2.67 -29.11
N MET A 144 -21.79 -2.96 -28.85
CA MET A 144 -22.28 -4.30 -29.20
C MET A 144 -23.39 -4.18 -30.21
N LYS A 145 -23.65 -5.25 -30.93
CA LYS A 145 -24.88 -5.30 -31.75
C LYS A 145 -25.73 -6.53 -31.41
N TRP A 146 -27.01 -6.26 -31.26
CA TRP A 146 -27.96 -7.29 -30.86
C TRP A 146 -28.66 -7.73 -32.14
N LEU A 147 -28.13 -8.81 -32.68
CA LEU A 147 -28.57 -9.39 -33.98
C LEU A 147 -29.82 -10.20 -33.71
N LEU A 148 -30.85 -9.95 -34.51
CA LEU A 148 -32.15 -10.62 -34.38
C LEU A 148 -32.64 -10.99 -35.75
N SER A 149 -33.46 -12.01 -35.82
CA SER A 149 -34.22 -12.34 -37.04
C SER A 149 -34.96 -11.08 -37.49
N ASN A 150 -35.11 -10.92 -38.80
CA ASN A 150 -35.82 -9.78 -39.43
C ASN A 150 -37.24 -9.71 -38.89
N THR A 151 -37.93 -10.83 -38.79
CA THR A 151 -39.30 -10.88 -38.28
C THR A 151 -39.34 -11.83 -37.08
N ASP A 152 -40.26 -11.58 -36.14
CA ASP A 152 -40.62 -12.51 -35.04
C ASP A 152 -40.63 -13.91 -35.62
N ASN A 153 -39.82 -14.83 -35.11
CA ASN A 153 -39.85 -16.27 -35.42
C ASN A 153 -39.17 -16.60 -36.74
N GLY A 154 -38.95 -15.56 -37.55
CA GLY A 154 -38.13 -15.63 -38.77
C GLY A 154 -36.85 -16.41 -38.54
N VAL A 155 -36.30 -17.03 -39.57
CA VAL A 155 -35.18 -17.89 -39.16
C VAL A 155 -33.89 -17.10 -39.31
N PHE A 156 -33.34 -16.76 -38.17
CA PHE A 156 -31.98 -16.21 -38.13
C PHE A 156 -31.12 -17.22 -38.85
N PRO A 157 -30.42 -16.68 -39.88
CA PRO A 157 -29.55 -17.44 -40.76
C PRO A 157 -28.15 -17.65 -40.20
N GLN A 158 -27.58 -18.84 -40.43
CA GLN A 158 -26.16 -19.14 -40.09
C GLN A 158 -25.34 -18.07 -40.77
N MET A 159 -24.22 -17.69 -40.16
CA MET A 159 -23.47 -16.43 -40.38
C MET A 159 -22.09 -16.55 -39.79
N THR A 160 -21.14 -15.89 -40.43
CA THR A 160 -19.77 -15.78 -39.90
C THR A 160 -19.32 -14.36 -40.09
N LYS A 161 -18.54 -13.88 -39.14
CA LYS A 161 -17.93 -12.55 -39.19
C LYS A 161 -16.52 -12.76 -38.66
N SER A 162 -15.56 -12.18 -39.35
CA SER A 162 -14.14 -12.38 -38.99
C SER A 162 -13.42 -11.06 -38.85
N TYR A 163 -12.51 -10.97 -37.89
CA TYR A 163 -11.79 -9.70 -37.62
C TYR A 163 -10.33 -10.02 -37.36
N LYS A 164 -9.44 -9.52 -38.19
CA LYS A 164 -7.97 -9.70 -38.01
C LYS A 164 -7.46 -8.50 -37.21
N ASN A 165 -6.74 -8.74 -36.14
CA ASN A 165 -6.04 -7.67 -35.40
C ASN A 165 -4.80 -7.37 -36.23
N THR A 166 -4.86 -6.30 -37.00
CA THR A 166 -3.72 -5.86 -37.84
C THR A 166 -2.91 -4.83 -37.05
N LYS A 167 -3.14 -4.71 -35.75
CA LYS A 167 -2.45 -3.65 -34.99
C LYS A 167 -1.28 -4.31 -34.28
N ARG A 168 -0.36 -3.51 -33.77
CA ARG A 168 0.92 -4.00 -33.20
C ARG A 168 0.58 -4.65 -31.85
N GLU A 169 -0.54 -4.26 -31.25
CA GLU A 169 -0.96 -4.62 -29.85
C GLU A 169 -2.14 -5.57 -29.92
N PRO A 170 -2.36 -6.39 -28.88
CA PRO A 170 -3.44 -7.35 -28.89
C PRO A 170 -4.78 -6.64 -28.69
N ALA A 171 -5.78 -7.10 -29.44
CA ALA A 171 -7.14 -6.56 -29.45
C ALA A 171 -7.96 -7.29 -28.38
N LEU A 172 -8.61 -6.56 -27.50
CA LEU A 172 -9.61 -7.13 -26.57
C LEU A 172 -10.95 -7.27 -27.30
N ILE A 173 -11.39 -8.50 -27.43
CA ILE A 173 -12.63 -8.80 -28.19
C ILE A 173 -13.66 -9.26 -27.20
N ILE A 174 -14.86 -8.68 -27.20
CA ILE A 174 -15.97 -9.24 -26.37
C ILE A 174 -17.11 -9.72 -27.26
N TRP A 175 -17.88 -10.68 -26.79
CA TRP A 175 -19.13 -11.10 -27.46
C TRP A 175 -20.08 -11.64 -26.40
N GLY A 176 -21.36 -11.66 -26.72
CA GLY A 176 -22.36 -12.13 -25.78
C GLY A 176 -23.18 -13.23 -26.38
N ILE A 177 -23.75 -13.98 -25.44
CA ILE A 177 -24.67 -15.11 -25.67
C ILE A 177 -25.98 -14.78 -24.96
N HIS A 178 -27.10 -15.00 -25.63
CA HIS A 178 -28.39 -14.43 -25.14
C HIS A 178 -29.32 -15.56 -24.72
N HIS A 179 -29.42 -15.64 -23.41
CA HIS A 179 -30.36 -16.53 -22.72
C HIS A 179 -31.76 -15.88 -22.72
N SER A 180 -32.51 -16.13 -23.77
CA SER A 180 -33.88 -15.58 -23.85
C SER A 180 -34.60 -16.16 -22.64
N GLY A 181 -35.51 -15.45 -22.00
CA GLY A 181 -36.07 -15.93 -20.72
C GLY A 181 -37.19 -16.94 -20.89
N SER A 182 -37.31 -17.53 -22.05
CA SER A 182 -38.27 -18.57 -22.44
C SER A 182 -37.83 -19.15 -23.78
N THR A 183 -37.97 -20.44 -23.99
CA THR A 183 -37.54 -21.02 -25.29
C THR A 183 -38.50 -20.43 -26.34
N ALA A 184 -39.68 -20.01 -25.91
CA ALA A 184 -40.69 -19.27 -26.70
C ALA A 184 -40.09 -18.00 -27.30
N GLU A 185 -39.28 -17.34 -26.51
CA GLU A 185 -38.83 -15.99 -26.88
C GLU A 185 -37.63 -16.11 -27.77
N GLN A 186 -36.77 -17.06 -27.38
CA GLN A 186 -35.55 -17.43 -28.12
C GLN A 186 -36.01 -17.50 -29.54
N THR A 187 -37.16 -18.14 -29.73
CA THR A 187 -37.46 -18.55 -31.12
C THR A 187 -38.15 -17.36 -31.76
N ARG A 188 -38.82 -16.55 -30.95
CA ARG A 188 -39.35 -15.27 -31.45
C ARG A 188 -38.21 -14.40 -31.98
N LEU A 189 -37.12 -14.21 -31.23
CA LEU A 189 -35.98 -13.40 -31.67
C LEU A 189 -35.16 -14.11 -32.73
N TYR A 190 -34.90 -15.39 -32.58
CA TYR A 190 -33.88 -16.02 -33.46
C TYR A 190 -34.46 -17.07 -34.40
N GLY A 191 -35.70 -17.45 -34.18
CA GLY A 191 -36.20 -18.67 -34.81
C GLY A 191 -35.87 -19.87 -33.94
N SER A 192 -36.67 -20.91 -34.14
CA SER A 192 -36.50 -22.16 -33.40
C SER A 192 -35.30 -22.85 -33.99
N GLY A 193 -35.05 -24.02 -33.43
CA GLY A 193 -33.88 -24.86 -33.73
C GLY A 193 -32.77 -24.47 -32.79
N ASN A 194 -31.88 -25.41 -32.44
CA ASN A 194 -30.87 -25.17 -31.37
C ASN A 194 -30.00 -24.06 -31.94
N LYS A 195 -29.51 -23.20 -31.07
CA LYS A 195 -28.77 -22.04 -31.52
C LYS A 195 -27.33 -22.36 -31.16
N LEU A 196 -26.43 -22.00 -32.05
CA LEU A 196 -25.02 -22.26 -31.73
C LEU A 196 -24.17 -21.07 -32.08
N ILE A 197 -23.25 -20.80 -31.18
CA ILE A 197 -22.24 -19.76 -31.40
C ILE A 197 -20.91 -20.43 -31.12
N THR A 198 -20.10 -20.52 -32.15
CA THR A 198 -18.68 -20.91 -32.05
C THR A 198 -17.82 -19.73 -32.50
N VAL A 199 -16.74 -19.64 -31.75
CA VAL A 199 -15.76 -18.54 -31.78
C VAL A 199 -14.42 -19.22 -31.81
N TRP A 200 -13.45 -18.68 -32.53
CA TRP A 200 -12.09 -19.29 -32.63
C TRP A 200 -11.01 -18.29 -33.10
N SER A 201 -9.84 -18.28 -32.46
CA SER A 201 -8.61 -17.68 -33.06
C SER A 201 -7.70 -18.81 -33.58
N SER A 202 -6.44 -18.54 -33.98
CA SER A 202 -5.42 -19.61 -34.21
C SER A 202 -5.54 -20.62 -33.09
N LYS A 203 -5.65 -20.08 -31.87
CA LYS A 203 -5.30 -20.78 -30.61
C LYS A 203 -6.55 -21.07 -29.77
N TYR A 204 -7.60 -20.25 -29.85
CA TYR A 204 -8.81 -20.37 -29.01
C TYR A 204 -9.88 -21.00 -29.86
N GLN A 205 -10.80 -21.72 -29.25
CA GLN A 205 -11.94 -22.35 -29.97
C GLN A 205 -12.95 -22.76 -28.89
N GLN A 206 -14.13 -22.16 -28.89
CA GLN A 206 -15.15 -22.48 -27.86
C GLN A 206 -16.53 -22.49 -28.51
N SER A 207 -17.38 -23.42 -28.07
CA SER A 207 -18.81 -23.36 -28.43
C SER A 207 -19.59 -22.76 -27.26
N PHE A 208 -20.68 -22.09 -27.63
CA PHE A 208 -21.66 -21.52 -26.69
C PHE A 208 -23.02 -21.81 -27.29
N ALA A 209 -23.92 -22.35 -26.47
CA ALA A 209 -25.34 -22.42 -26.86
C ALA A 209 -26.20 -21.75 -25.79
N PRO A 210 -27.22 -20.96 -26.18
CA PRO A 210 -28.09 -20.37 -25.20
C PRO A 210 -28.84 -21.47 -24.43
N SER A 211 -29.20 -21.14 -23.19
CA SER A 211 -29.97 -21.94 -22.21
C SER A 211 -31.24 -21.20 -21.86
N PRO A 212 -32.16 -21.01 -22.82
CA PRO A 212 -33.30 -20.14 -22.60
C PRO A 212 -34.08 -20.62 -21.40
N GLY A 213 -34.81 -19.68 -20.83
CA GLY A 213 -35.78 -19.93 -19.77
C GLY A 213 -35.65 -18.88 -18.69
N PRO A 214 -36.64 -18.81 -17.80
CA PRO A 214 -36.77 -17.62 -16.96
C PRO A 214 -35.89 -17.60 -15.73
N ARG A 215 -34.91 -16.70 -15.77
CA ARG A 215 -34.22 -16.18 -14.57
C ARG A 215 -35.17 -15.25 -13.84
N PRO A 216 -34.84 -14.85 -12.60
CA PRO A 216 -35.43 -13.68 -11.95
C PRO A 216 -35.32 -12.40 -12.78
N GLN A 217 -36.29 -11.47 -12.63
CA GLN A 217 -36.30 -10.17 -13.35
C GLN A 217 -35.15 -9.31 -12.87
N ILE A 218 -34.39 -8.72 -13.77
CA ILE A 218 -33.38 -7.74 -13.31
C ILE A 218 -33.23 -6.60 -14.31
N ASN A 219 -33.27 -5.39 -13.80
CA ASN A 219 -33.66 -4.26 -14.64
C ASN A 219 -34.66 -4.82 -15.63
N GLY A 220 -35.57 -5.65 -15.15
CA GLY A 220 -36.86 -5.85 -15.82
C GLY A 220 -36.76 -6.80 -16.98
N GLN A 221 -35.79 -7.70 -16.88
CA GLN A 221 -35.48 -8.72 -17.90
C GLN A 221 -35.30 -10.02 -17.15
N SER A 222 -36.13 -11.03 -17.46
CA SER A 222 -35.98 -12.41 -16.97
C SER A 222 -34.90 -13.06 -17.81
N GLY A 223 -34.60 -12.52 -18.99
CA GLY A 223 -33.54 -13.09 -19.82
C GLY A 223 -32.16 -12.77 -19.30
N ARG A 224 -31.11 -13.28 -19.95
CA ARG A 224 -29.73 -13.00 -19.56
C ARG A 224 -28.76 -12.97 -20.75
N ILE A 225 -27.76 -12.08 -20.68
CA ILE A 225 -26.73 -11.92 -21.75
C ILE A 225 -25.39 -12.08 -21.06
N ASP A 226 -24.76 -13.25 -21.15
CA ASP A 226 -23.43 -13.45 -20.53
C ASP A 226 -22.38 -13.04 -21.59
N PHE A 227 -21.40 -12.21 -21.22
CA PHE A 227 -20.25 -11.81 -22.10
C PHE A 227 -19.08 -12.77 -21.91
N TYR A 228 -18.46 -13.06 -23.05
CA TYR A 228 -17.21 -13.83 -23.17
C TYR A 228 -16.23 -12.95 -23.93
N TRP A 229 -14.96 -13.15 -23.65
CA TRP A 229 -13.92 -12.24 -24.15
C TRP A 229 -12.63 -12.96 -24.40
N LEU A 230 -11.87 -12.55 -25.40
CA LEU A 230 -10.48 -13.01 -25.57
C LEU A 230 -9.56 -11.86 -26.01
N MET A 231 -8.27 -12.12 -25.94
CA MET A 231 -7.22 -11.12 -26.26
C MET A 231 -6.50 -11.54 -27.56
N LEU A 232 -6.90 -10.92 -28.67
CA LEU A 232 -6.53 -11.36 -30.02
C LEU A 232 -5.14 -10.86 -30.30
N ASP A 233 -4.22 -11.81 -30.45
CA ASP A 233 -2.84 -11.53 -30.85
C ASP A 233 -2.83 -10.84 -32.22
N PRO A 234 -1.79 -10.04 -32.54
CA PRO A 234 -1.75 -9.31 -33.81
C PRO A 234 -1.50 -10.27 -34.96
N ASN A 235 -2.13 -10.01 -36.10
CA ASN A 235 -2.12 -10.91 -37.28
C ASN A 235 -2.96 -12.16 -36.99
N ASP A 236 -3.44 -12.32 -35.76
CA ASP A 236 -4.43 -13.37 -35.44
C ASP A 236 -5.81 -12.87 -35.90
N THR A 237 -6.77 -13.78 -35.95
CA THR A 237 -8.11 -13.53 -36.52
C THR A 237 -9.17 -14.25 -35.70
N VAL A 238 -10.08 -13.50 -35.08
CA VAL A 238 -11.27 -14.10 -34.45
C VAL A 238 -12.32 -14.30 -35.51
N THR A 239 -12.90 -15.48 -35.51
CA THR A 239 -14.04 -15.83 -36.39
C THR A 239 -15.24 -16.11 -35.48
N PHE A 240 -16.40 -15.50 -35.79
CA PHE A 240 -17.68 -15.80 -35.12
C PHE A 240 -18.61 -16.45 -36.14
N SER A 241 -18.90 -17.73 -35.98
CA SER A 241 -20.10 -18.27 -36.67
C SER A 241 -21.18 -18.31 -35.62
N PHE A 242 -22.41 -18.12 -36.09
CA PHE A 242 -23.58 -18.09 -35.22
C PHE A 242 -24.89 -18.14 -35.99
N ASN A 243 -25.85 -18.56 -35.21
CA ASN A 243 -27.18 -19.04 -35.57
C ASN A 243 -28.25 -18.05 -35.07
N GLY A 244 -27.85 -17.09 -34.25
CA GLY A 244 -28.71 -16.30 -33.36
C GLY A 244 -28.28 -16.44 -31.92
N ALA A 245 -28.96 -15.72 -31.01
CA ALA A 245 -28.66 -15.71 -29.56
C ALA A 245 -27.25 -15.15 -29.34
N PHE A 246 -26.71 -14.50 -30.38
CA PHE A 246 -25.35 -13.91 -30.41
C PHE A 246 -25.45 -12.39 -30.31
N ILE A 247 -24.69 -11.82 -29.37
CA ILE A 247 -24.46 -10.36 -29.20
C ILE A 247 -23.08 -10.11 -29.72
N ALA A 248 -23.01 -9.54 -30.93
CA ALA A 248 -21.78 -9.18 -31.67
C ALA A 248 -21.05 -8.03 -31.00
N PRO A 249 -19.72 -7.95 -31.13
CA PRO A 249 -19.04 -6.68 -31.03
C PRO A 249 -19.11 -5.89 -32.34
N ASP A 250 -18.73 -4.64 -32.13
CA ASP A 250 -18.77 -3.55 -33.12
C ASP A 250 -17.41 -2.91 -33.07
N ARG A 251 -16.82 -2.85 -31.87
CA ARG A 251 -15.48 -2.30 -31.62
C ARG A 251 -14.65 -3.26 -30.78
N ALA A 252 -13.37 -3.36 -31.12
CA ALA A 252 -12.33 -3.92 -30.22
C ALA A 252 -11.82 -2.83 -29.28
N SER A 253 -11.31 -3.23 -28.14
CA SER A 253 -10.62 -2.30 -27.23
C SER A 253 -9.13 -2.55 -27.46
N PHE A 254 -8.30 -1.53 -27.43
CA PHE A 254 -6.84 -1.73 -27.30
C PHE A 254 -6.42 -1.02 -26.02
N LEU A 255 -5.59 -1.68 -25.22
CA LEU A 255 -5.07 -1.09 -23.95
C LEU A 255 -4.16 0.09 -24.32
N ARG A 256 -4.09 1.10 -23.45
CA ARG A 256 -3.50 2.42 -23.82
C ARG A 256 -2.06 2.37 -23.33
N GLY A 257 -1.89 2.00 -22.07
CA GLY A 257 -0.56 1.89 -21.47
C GLY A 257 -0.64 1.32 -20.07
N LYS A 258 -0.06 2.04 -19.13
CA LYS A 258 0.06 1.60 -17.74
C LYS A 258 -0.84 2.43 -16.85
N SER A 259 -1.42 1.80 -15.84
CA SER A 259 -2.33 2.50 -14.93
C SER A 259 -2.39 1.72 -13.64
N LEU A 260 -3.25 2.15 -12.74
CA LEU A 260 -3.46 1.41 -11.49
C LEU A 260 -4.92 1.44 -11.11
N GLY A 261 -5.52 0.28 -10.89
CA GLY A 261 -6.93 0.17 -10.49
C GLY A 261 -7.02 0.12 -9.00
N ILE A 262 -7.92 0.89 -8.41
CA ILE A 262 -8.11 0.88 -6.94
C ILE A 262 -9.59 0.78 -6.69
N GLN A 263 -9.95 0.15 -5.60
CA GLN A 263 -11.35 0.13 -5.15
C GLN A 263 -11.42 1.11 -4.00
N SER A 264 -12.34 2.06 -3.98
CA SER A 264 -12.31 3.11 -2.92
C SER A 264 -13.69 3.68 -2.65
N ASP A 265 -13.91 4.02 -1.38
CA ASP A 265 -15.11 4.78 -0.91
C ASP A 265 -14.77 6.26 -0.71
N ALA A 266 -13.52 6.69 -0.89
CA ALA A 266 -13.03 8.04 -0.53
C ALA A 266 -13.18 8.99 -1.70
N GLN A 267 -13.46 10.28 -1.43
CA GLN A 267 -13.67 11.31 -2.50
C GLN A 267 -12.33 11.62 -3.16
N LEU A 268 -12.36 12.18 -4.37
CA LEU A 268 -11.11 12.64 -5.01
C LEU A 268 -10.63 13.88 -4.29
N ASP A 269 -9.35 14.17 -4.50
CA ASP A 269 -8.71 15.44 -4.09
C ASP A 269 -7.47 15.61 -4.96
N ASN A 270 -7.50 16.58 -5.89
CA ASN A 270 -6.37 16.90 -6.79
C ASN A 270 -5.48 17.92 -6.11
N ASN A 271 -5.84 18.34 -4.89
CA ASN A 271 -4.97 19.23 -4.09
C ASN A 271 -3.82 18.39 -3.53
N CYS A 272 -4.10 17.25 -2.86
CA CYS A 272 -3.03 16.39 -2.27
C CYS A 272 -2.51 15.44 -3.34
N GLU A 273 -1.31 14.94 -3.11
CA GLU A 273 -0.62 13.90 -3.89
C GLU A 273 -0.52 12.70 -2.93
N GLY A 274 -0.25 11.49 -3.41
CA GLY A 274 -0.10 10.28 -2.56
C GLY A 274 0.07 9.02 -3.39
N GLU A 275 0.71 7.98 -2.84
CA GLU A 275 1.32 6.89 -3.64
C GLU A 275 0.62 5.57 -3.29
N CYS A 276 -0.30 5.57 -2.34
CA CYS A 276 -0.77 4.33 -1.67
C CYS A 276 -2.22 4.48 -1.29
N TYR A 277 -3.06 3.59 -1.80
CA TYR A 277 -4.53 3.68 -1.69
C TYR A 277 -5.08 2.42 -1.03
N HIS A 278 -6.30 2.55 -0.52
CA HIS A 278 -7.12 1.42 -0.06
C HIS A 278 -8.60 1.83 -0.06
N ILE A 279 -9.43 0.94 0.43
CA ILE A 279 -10.90 1.13 0.31
C ILE A 279 -11.24 2.48 0.94
N GLY A 280 -10.55 2.80 2.03
CA GLY A 280 -10.83 3.96 2.90
C GLY A 280 -10.08 5.21 2.50
N GLY A 281 -9.11 5.12 1.59
CA GLY A 281 -8.48 6.32 1.00
C GLY A 281 -7.00 6.16 0.75
N THR A 282 -6.21 7.16 1.14
CA THR A 282 -4.78 7.22 0.79
C THR A 282 -3.93 7.11 2.06
N ILE A 283 -2.89 6.31 2.02
CA ILE A 283 -1.86 6.30 3.09
C ILE A 283 -0.70 7.17 2.60
N ILE A 284 -0.50 8.34 3.20
CA ILE A 284 0.80 9.07 3.07
C ILE A 284 1.56 8.93 4.39
N SER A 285 2.78 8.42 4.33
CA SER A 285 3.61 8.06 5.50
C SER A 285 4.98 7.57 5.04
N ASN A 286 6.04 7.94 5.76
CA ASN A 286 7.43 7.49 5.52
C ASN A 286 7.72 6.32 6.46
N LEU A 287 6.79 6.02 7.38
CA LEU A 287 6.99 4.92 8.37
C LEU A 287 7.10 3.61 7.60
N PRO A 288 7.95 2.68 8.08
CA PRO A 288 8.18 1.41 7.38
C PRO A 288 6.98 0.44 7.46
N PHE A 289 6.08 0.61 8.43
CA PHE A 289 4.91 -0.30 8.56
C PHE A 289 3.60 0.52 8.64
N GLN A 290 2.47 -0.18 8.54
CA GLN A 290 1.11 0.41 8.65
C GLN A 290 0.13 -0.67 9.13
N ASN A 291 -0.92 -0.23 9.81
CA ASN A 291 -1.93 -1.16 10.35
C ASN A 291 -3.31 -0.72 9.84
N ILE A 292 -3.32 0.12 8.79
CA ILE A 292 -4.55 0.75 8.23
C ILE A 292 -5.35 -0.28 7.43
N ASN A 293 -4.71 -0.99 6.48
CA ASN A 293 -5.44 -1.89 5.54
C ASN A 293 -4.45 -2.86 4.88
N SER A 294 -4.55 -4.15 5.16
CA SER A 294 -3.67 -5.20 4.60
C SER A 294 -3.86 -5.37 3.10
N ARG A 295 -4.88 -4.73 2.53
CA ARG A 295 -5.31 -4.91 1.11
C ARG A 295 -5.01 -3.61 0.35
N ALA A 296 -4.33 -2.68 1.02
CA ALA A 296 -3.89 -1.41 0.38
C ALA A 296 -2.94 -1.75 -0.76
N ILE A 297 -2.75 -0.81 -1.68
CA ILE A 297 -2.01 -1.00 -2.96
C ILE A 297 -1.49 0.36 -3.43
N GLY A 298 -0.60 0.38 -4.41
CA GLY A 298 0.20 1.58 -4.74
C GLY A 298 1.62 1.30 -4.33
N LYS A 299 2.39 2.31 -3.91
CA LYS A 299 3.68 2.13 -3.19
C LYS A 299 3.39 2.27 -1.69
N CYS A 300 3.38 1.19 -0.91
CA CYS A 300 2.87 1.21 0.50
C CYS A 300 3.94 0.79 1.52
N PRO A 301 3.73 1.06 2.84
CA PRO A 301 4.50 0.39 3.87
C PRO A 301 3.99 -1.05 4.05
N ARG A 302 4.89 -1.99 4.39
CA ARG A 302 4.47 -3.33 4.85
C ARG A 302 3.37 -3.18 5.90
N TYR A 303 2.23 -3.82 5.68
CA TYR A 303 1.13 -3.89 6.66
C TYR A 303 1.59 -4.86 7.73
N VAL A 304 1.33 -4.54 9.00
CA VAL A 304 1.59 -5.46 10.14
C VAL A 304 0.35 -5.51 11.02
N LYS A 305 0.13 -6.64 11.71
CA LYS A 305 -1.02 -6.87 12.63
C LYS A 305 -0.94 -5.87 13.80
N GLN A 306 0.27 -5.57 14.26
CA GLN A 306 0.47 -4.77 15.48
C GLN A 306 -0.15 -3.39 15.30
N LYS A 307 -0.85 -2.91 16.33
CA LYS A 307 -1.39 -1.53 16.39
C LYS A 307 -0.22 -0.54 16.45
N SER A 308 0.84 -0.89 17.17
CA SER A 308 1.91 0.08 17.52
C SER A 308 3.25 -0.67 17.63
N LEU A 309 4.30 -0.18 16.99
CA LEU A 309 5.67 -0.69 17.23
C LEU A 309 6.56 0.52 17.48
N MET A 310 6.80 0.77 18.77
CA MET A 310 7.54 1.94 19.25
C MET A 310 9.02 1.62 19.16
N LEU A 311 9.76 2.44 18.42
CA LEU A 311 11.22 2.33 18.24
C LEU A 311 11.88 3.40 19.11
N ALA A 312 12.92 3.00 19.85
CA ALA A 312 13.66 3.88 20.78
C ALA A 312 14.50 4.88 19.97
N THR A 313 14.34 6.18 20.27
CA THR A 313 15.15 7.29 19.70
C THR A 313 15.84 8.08 20.83
N GLY A 314 16.05 7.42 21.98
CA GLY A 314 16.70 7.99 23.18
C GLY A 314 17.03 6.91 24.21
N MET A 315 17.88 7.23 25.20
CA MET A 315 18.38 6.24 26.20
C MET A 315 17.27 5.84 27.17
N LYS A 316 17.55 4.82 27.99
CA LYS A 316 16.70 4.34 29.11
C LYS A 316 16.32 5.54 29.98
N ASN A 317 15.15 5.54 30.63
CA ASN A 317 14.67 6.74 31.36
C ASN A 317 14.61 6.48 32.86
N VAL A 318 15.40 7.21 33.66
CA VAL A 318 15.58 6.99 35.13
C VAL A 318 15.29 8.30 35.89
N PRO A 319 14.21 8.39 36.70
CA PRO A 319 13.85 9.64 37.38
C PRO A 319 14.83 10.09 38.46
N GLY B 1 20.88 -2.04 30.40
CA GLY B 1 22.03 -2.03 29.43
C GLY B 1 23.08 -3.09 29.73
N LEU B 2 23.84 -3.47 28.69
CA LEU B 2 24.94 -4.46 28.76
C LEU B 2 26.19 -3.78 29.37
N PHE B 3 26.34 -2.46 29.22
CA PHE B 3 27.51 -1.70 29.72
C PHE B 3 27.29 -1.27 31.18
N GLY B 4 26.12 -1.58 31.75
CA GLY B 4 25.78 -1.47 33.19
C GLY B 4 25.97 -0.07 33.75
N ALA B 5 25.89 0.97 32.90
CA ALA B 5 26.12 2.38 33.27
C ALA B 5 24.78 3.08 33.55
N ILE B 6 23.89 3.16 32.55
CA ILE B 6 22.57 3.83 32.68
C ILE B 6 21.64 2.95 33.52
N ALA B 7 21.10 3.48 34.63
CA ALA B 7 20.33 2.76 35.68
C ALA B 7 21.11 1.56 36.24
N GLY B 8 22.45 1.68 36.31
CA GLY B 8 23.38 0.67 36.87
C GLY B 8 24.26 1.28 37.96
N PHE B 9 25.58 1.38 37.72
CA PHE B 9 26.53 2.02 38.67
C PHE B 9 26.20 3.51 38.81
N ILE B 10 25.82 4.22 37.74
CA ILE B 10 25.19 5.58 37.86
C ILE B 10 23.80 5.38 38.48
N GLU B 11 23.64 5.68 39.77
CA GLU B 11 22.34 5.70 40.50
C GLU B 11 21.22 6.04 39.50
N ASN B 12 21.28 7.20 38.84
CA ASN B 12 20.31 7.59 37.78
C ASN B 12 20.75 8.89 37.10
N GLY B 13 19.99 9.34 36.09
CA GLY B 13 20.22 10.58 35.31
C GLY B 13 19.42 11.75 35.84
N TRP B 14 19.80 12.97 35.47
CA TRP B 14 19.44 14.25 36.15
C TRP B 14 18.38 15.02 35.37
N GLU B 15 17.17 15.12 35.93
CA GLU B 15 15.97 15.70 35.29
C GLU B 15 16.21 17.16 34.90
N GLY B 16 17.17 17.84 35.55
CA GLY B 16 17.57 19.22 35.21
C GLY B 16 18.06 19.35 33.76
N LEU B 17 18.88 18.40 33.31
CA LEU B 17 19.79 18.53 32.13
C LEU B 17 18.99 18.69 30.84
N ILE B 18 18.65 19.94 30.47
CA ILE B 18 17.82 20.27 29.27
C ILE B 18 18.75 20.70 28.12
N ASP B 19 20.06 20.48 28.26
CA ASP B 19 21.06 21.16 27.41
C ASP B 19 21.60 20.17 26.38
N GLY B 20 21.63 18.88 26.73
CA GLY B 20 22.19 17.77 25.93
C GLY B 20 21.78 16.44 26.53
N TRP B 21 22.50 15.36 26.20
CA TRP B 21 22.12 13.96 26.54
C TRP B 21 22.97 13.42 27.70
N TYR B 22 24.28 13.65 27.66
CA TYR B 22 25.23 13.34 28.76
C TYR B 22 25.94 14.63 29.18
N GLY B 23 26.24 14.76 30.48
CA GLY B 23 26.79 16.02 31.03
C GLY B 23 27.69 15.82 32.24
N TYR B 24 28.17 16.94 32.77
CA TYR B 24 29.05 17.02 33.96
C TYR B 24 28.34 17.80 35.07
N ARG B 25 28.57 17.37 36.31
CA ARG B 25 28.03 17.98 37.56
C ARG B 25 29.19 18.10 38.55
N HIS B 26 29.54 19.33 38.96
CA HIS B 26 30.78 19.59 39.76
C HIS B 26 30.45 20.23 41.12
N GLN B 27 31.36 20.03 42.08
CA GLN B 27 31.30 20.57 43.46
C GLN B 27 32.73 20.94 43.88
N ASN B 28 33.00 22.22 44.16
CA ASN B 28 34.39 22.73 44.26
C ASN B 28 34.45 23.85 45.30
N ALA B 29 35.62 24.50 45.39
CA ALA B 29 35.86 25.80 46.07
C ALA B 29 34.62 26.71 45.90
N GLN B 30 34.12 26.84 44.68
CA GLN B 30 33.18 27.92 44.26
C GLN B 30 31.73 27.56 44.62
N GLY B 31 31.43 26.29 44.88
CA GLY B 31 30.06 25.77 44.95
C GLY B 31 29.79 24.80 43.81
N GLU B 32 28.74 25.02 43.00
CA GLU B 32 28.20 24.00 42.07
C GLU B 32 27.84 24.57 40.69
N GLY B 33 27.85 23.71 39.67
CA GLY B 33 27.29 23.91 38.32
C GLY B 33 27.10 22.58 37.60
N THR B 34 26.13 22.46 36.69
CA THR B 34 25.84 21.22 35.92
C THR B 34 25.79 21.59 34.42
N ALA B 35 26.56 20.93 33.54
CA ALA B 35 26.77 21.37 32.14
C ALA B 35 26.87 20.17 31.17
N ALA B 36 26.31 20.31 29.95
CA ALA B 36 26.08 19.24 28.94
C ALA B 36 27.34 18.98 28.10
N ASP B 37 27.60 17.70 27.75
CA ASP B 37 28.69 17.28 26.83
C ASP B 37 28.13 17.15 25.42
N TYR B 38 28.72 17.87 24.47
CA TYR B 38 28.28 17.88 23.05
C TYR B 38 28.70 16.59 22.36
N LYS B 39 29.94 16.09 22.60
CA LYS B 39 30.54 14.94 21.85
C LYS B 39 29.77 13.65 22.10
N SER B 40 29.55 13.27 23.36
CA SER B 40 28.83 12.01 23.71
C SER B 40 27.39 12.09 23.23
N THR B 41 26.72 13.25 23.45
CA THR B 41 25.35 13.57 22.98
C THR B 41 25.26 13.42 21.45
N GLN B 42 26.24 13.99 20.73
CA GLN B 42 26.24 14.04 19.24
C GLN B 42 26.47 12.65 18.65
N SER B 43 27.35 11.85 19.24
CA SER B 43 27.66 10.46 18.82
C SER B 43 26.41 9.57 18.93
N ALA B 44 25.68 9.64 20.06
CA ALA B 44 24.41 8.91 20.31
C ALA B 44 23.35 9.32 19.28
N ILE B 45 23.20 10.64 19.06
CA ILE B 45 22.20 11.23 18.13
C ILE B 45 22.56 10.91 16.68
N ASN B 46 23.85 10.99 16.30
CA ASN B 46 24.33 10.55 14.96
C ASN B 46 23.85 9.12 14.67
N GLN B 47 23.89 8.25 15.68
CA GLN B 47 23.64 6.80 15.53
C GLN B 47 22.15 6.48 15.70
N ILE B 48 21.38 7.26 16.46
CA ILE B 48 19.90 7.11 16.54
C ILE B 48 19.30 7.61 15.22
N THR B 49 19.78 8.77 14.73
CA THR B 49 19.32 9.35 13.43
C THR B 49 19.68 8.36 12.30
N GLY B 50 20.82 7.65 12.43
CA GLY B 50 21.32 6.67 11.43
C GLY B 50 20.40 5.48 11.27
N LYS B 51 19.75 5.03 12.36
CA LYS B 51 18.75 3.93 12.36
C LYS B 51 17.46 4.40 11.68
N LEU B 52 17.06 5.66 11.92
CA LEU B 52 15.82 6.21 11.31
C LEU B 52 16.05 6.49 9.81
N ASN B 53 17.28 6.79 9.38
CA ASN B 53 17.63 6.89 7.93
C ASN B 53 17.36 5.53 7.26
N ARG B 54 17.79 4.42 7.89
CA ARG B 54 17.61 3.02 7.40
C ARG B 54 16.12 2.73 7.22
N LEU B 55 15.31 2.99 8.25
CA LEU B 55 13.88 2.58 8.33
C LEU B 55 12.98 3.62 7.67
N ILE B 56 13.09 4.92 8.01
CA ILE B 56 12.10 5.96 7.57
C ILE B 56 12.37 6.31 6.09
N GLU B 57 11.63 5.60 5.23
CA GLU B 57 11.56 5.67 3.75
C GLU B 57 10.57 4.56 3.40
N LYS B 58 10.52 4.09 2.14
CA LYS B 58 10.10 2.69 1.88
C LYS B 58 10.79 2.19 0.61
N THR B 59 11.01 0.88 0.57
CA THR B 59 11.45 0.14 -0.64
C THR B 59 10.28 0.28 -1.64
N ASN B 60 10.64 0.29 -2.92
CA ASN B 60 9.77 0.62 -4.08
C ASN B 60 8.67 -0.45 -4.25
N GLN B 61 8.47 -1.34 -3.28
CA GLN B 61 7.70 -2.60 -3.49
C GLN B 61 6.21 -2.25 -3.45
N GLN B 62 5.62 -2.18 -4.64
CA GLN B 62 4.21 -1.76 -4.90
C GLN B 62 3.37 -3.00 -5.24
N PHE B 63 2.10 -3.03 -4.84
CA PHE B 63 1.24 -4.22 -5.10
C PHE B 63 -0.05 -3.74 -5.77
N GLU B 64 -0.65 -4.63 -6.59
CA GLU B 64 -1.94 -4.45 -7.32
C GLU B 64 -2.96 -5.43 -6.73
N LEU B 65 -4.24 -5.23 -7.06
CA LEU B 65 -5.35 -6.05 -6.52
C LEU B 65 -5.29 -7.46 -7.10
N ILE B 66 -5.27 -8.52 -6.28
CA ILE B 66 -5.43 -9.93 -6.77
C ILE B 66 -6.74 -10.54 -6.26
N ASP B 67 -7.54 -9.75 -5.54
CA ASP B 67 -8.92 -10.11 -5.12
C ASP B 67 -9.77 -8.84 -5.21
N ASN B 68 -11.06 -8.90 -4.91
CA ASN B 68 -12.03 -7.82 -5.22
C ASN B 68 -12.86 -7.59 -3.96
N GLU B 69 -12.88 -6.35 -3.46
CA GLU B 69 -13.58 -5.89 -2.24
C GLU B 69 -15.09 -6.01 -2.45
N PHE B 70 -15.57 -5.62 -3.62
CA PHE B 70 -17.00 -5.45 -3.90
C PHE B 70 -17.63 -6.80 -4.29
N ASN B 71 -16.84 -7.73 -4.81
CA ASN B 71 -17.42 -8.83 -5.59
C ASN B 71 -16.43 -9.99 -5.57
N GLU B 72 -16.64 -10.93 -4.62
CA GLU B 72 -15.70 -11.99 -4.18
C GLU B 72 -15.20 -12.84 -5.36
N ILE B 73 -13.87 -12.98 -5.52
CA ILE B 73 -13.20 -13.83 -6.54
C ILE B 73 -13.54 -15.31 -6.24
N GLU B 74 -13.55 -16.14 -7.29
CA GLU B 74 -13.72 -17.62 -7.22
C GLU B 74 -13.08 -18.15 -5.92
N LYS B 75 -13.67 -19.20 -5.36
CA LYS B 75 -13.37 -19.66 -3.98
C LYS B 75 -12.03 -20.44 -3.96
N GLN B 76 -11.71 -21.30 -4.95
CA GLN B 76 -10.51 -22.20 -4.95
C GLN B 76 -9.26 -21.32 -4.86
N ILE B 77 -9.08 -20.47 -5.87
CA ILE B 77 -7.95 -19.49 -6.00
C ILE B 77 -7.94 -18.52 -4.83
N GLY B 78 -9.13 -18.07 -4.40
CA GLY B 78 -9.33 -17.09 -3.32
C GLY B 78 -8.80 -17.59 -2.00
N ASN B 79 -9.02 -18.87 -1.65
CA ASN B 79 -8.46 -19.46 -0.40
C ASN B 79 -6.94 -19.33 -0.43
N VAL B 80 -6.34 -19.60 -1.59
CA VAL B 80 -4.85 -19.63 -1.76
C VAL B 80 -4.36 -18.21 -1.57
N ILE B 81 -4.99 -17.27 -2.25
CA ILE B 81 -4.74 -15.82 -2.03
C ILE B 81 -4.78 -15.56 -0.52
N ASN B 82 -5.96 -15.67 0.11
CA ASN B 82 -6.14 -15.38 1.56
C ASN B 82 -4.95 -16.02 2.32
N TRP B 83 -4.74 -17.32 2.17
CA TRP B 83 -3.74 -18.06 2.95
C TRP B 83 -2.33 -17.50 2.70
N THR B 84 -1.95 -17.27 1.45
CA THR B 84 -0.67 -16.63 1.07
C THR B 84 -0.67 -15.21 1.65
N ARG B 85 -1.72 -14.41 1.50
CA ARG B 85 -1.74 -13.04 2.09
C ARG B 85 -1.62 -13.16 3.60
N ASP B 86 -2.29 -14.12 4.26
CA ASP B 86 -2.18 -14.32 5.73
C ASP B 86 -0.73 -14.72 6.09
N SER B 87 -0.11 -15.68 5.40
CA SER B 87 1.26 -16.14 5.72
C SER B 87 2.27 -14.98 5.58
N ILE B 88 2.05 -14.06 4.65
CA ILE B 88 2.96 -12.89 4.40
C ILE B 88 2.78 -11.87 5.53
N ILE B 89 1.54 -11.63 5.99
CA ILE B 89 1.21 -10.61 7.04
C ILE B 89 1.74 -11.16 8.38
N GLU B 90 1.59 -12.45 8.65
CA GLU B 90 2.18 -13.17 9.82
C GLU B 90 3.70 -12.94 9.82
N VAL B 91 4.33 -12.97 8.64
CA VAL B 91 5.81 -12.93 8.52
C VAL B 91 6.29 -11.49 8.63
N TRP B 92 5.67 -10.54 7.95
CA TRP B 92 6.11 -9.14 8.09
C TRP B 92 5.89 -8.69 9.54
N SER B 93 4.88 -9.21 10.22
CA SER B 93 4.55 -8.76 11.60
C SER B 93 5.62 -9.28 12.56
N TYR B 94 6.00 -10.56 12.49
CA TYR B 94 7.20 -11.06 13.21
C TYR B 94 8.40 -10.18 12.81
N ASN B 95 8.64 -9.95 11.51
CA ASN B 95 9.87 -9.26 11.02
C ASN B 95 9.91 -7.85 11.63
N ALA B 96 8.79 -7.14 11.72
CA ALA B 96 8.76 -5.76 12.26
C ALA B 96 8.99 -5.78 13.79
N GLU B 97 8.22 -6.58 14.53
CA GLU B 97 8.32 -6.74 16.00
C GLU B 97 9.79 -7.03 16.37
N PHE B 98 10.43 -7.93 15.65
CA PHE B 98 11.79 -8.42 15.97
C PHE B 98 12.83 -7.39 15.51
N LEU B 99 12.67 -6.79 14.34
CA LEU B 99 13.55 -5.66 13.90
C LEU B 99 13.56 -4.60 15.00
N VAL B 100 12.37 -4.13 15.41
CA VAL B 100 12.19 -3.06 16.42
C VAL B 100 12.69 -3.54 17.79
N ALA B 101 12.46 -4.80 18.19
CA ALA B 101 12.99 -5.35 19.46
C ALA B 101 14.53 -5.36 19.43
N VAL B 102 15.12 -5.77 18.32
CA VAL B 102 16.59 -5.79 18.08
C VAL B 102 17.08 -4.34 18.00
N GLU B 103 16.35 -3.45 17.36
CA GLU B 103 16.75 -2.02 17.23
C GLU B 103 16.66 -1.36 18.61
N ASN B 104 15.64 -1.70 19.39
CA ASN B 104 15.46 -1.18 20.77
C ASN B 104 16.59 -1.72 21.66
N GLN B 105 16.91 -3.01 21.61
CA GLN B 105 18.02 -3.60 22.41
C GLN B 105 19.31 -2.84 22.10
N HIS B 106 19.69 -2.74 20.84
CA HIS B 106 20.96 -2.10 20.39
C HIS B 106 20.91 -0.58 20.58
N THR B 107 19.74 0.06 20.49
CA THR B 107 19.60 1.54 20.71
C THR B 107 20.02 1.83 22.15
N ILE B 108 19.47 1.08 23.12
CA ILE B 108 19.74 1.19 24.59
C ILE B 108 21.21 0.87 24.89
N ASP B 109 21.69 -0.30 24.44
CA ASP B 109 23.09 -0.77 24.65
C ASP B 109 24.06 0.25 24.04
N LEU B 110 23.63 0.98 23.00
CA LEU B 110 24.48 1.99 22.30
C LEU B 110 24.60 3.26 23.15
N THR B 111 23.49 3.73 23.70
CA THR B 111 23.47 4.94 24.58
C THR B 111 24.24 4.62 25.88
N ASP B 112 24.09 3.39 26.37
CA ASP B 112 24.78 2.84 27.56
C ASP B 112 26.28 2.81 27.31
N SER B 113 26.70 2.47 26.09
CA SER B 113 28.10 2.55 25.63
C SER B 113 28.59 4.01 25.69
N GLU B 114 27.83 4.99 25.15
CA GLU B 114 28.25 6.42 25.07
C GLU B 114 28.32 7.05 26.47
N MET B 115 27.51 6.58 27.41
CA MET B 115 27.61 6.95 28.85
C MET B 115 28.98 6.51 29.38
N ASN B 116 29.25 5.21 29.24
CA ASN B 116 30.52 4.56 29.67
C ASN B 116 31.71 5.20 28.95
N LYS B 117 31.56 5.57 27.67
CA LYS B 117 32.68 6.05 26.80
C LYS B 117 33.19 7.41 27.31
N LEU B 118 32.26 8.27 27.77
CA LEU B 118 32.56 9.61 28.32
C LEU B 118 33.30 9.47 29.66
N TYR B 119 32.71 8.71 30.59
CA TYR B 119 33.26 8.33 31.92
C TYR B 119 34.71 7.85 31.79
N GLU B 120 35.00 6.95 30.85
CA GLU B 120 36.36 6.34 30.70
C GLU B 120 37.36 7.38 30.20
N LYS B 121 36.98 8.25 29.26
CA LYS B 121 37.96 9.21 28.65
C LYS B 121 38.20 10.37 29.64
N VAL B 122 37.23 10.67 30.52
CA VAL B 122 37.40 11.61 31.68
C VAL B 122 38.35 10.97 32.71
N ARG B 123 38.11 9.70 33.09
CA ARG B 123 39.00 8.90 33.99
C ARG B 123 40.45 8.95 33.50
N ARG B 124 40.69 8.86 32.19
CA ARG B 124 42.05 8.85 31.58
C ARG B 124 42.70 10.24 31.64
N GLN B 125 41.92 11.32 31.48
CA GLN B 125 42.40 12.73 31.58
C GLN B 125 43.09 12.97 32.93
N LEU B 126 42.57 12.34 34.00
CA LEU B 126 43.03 12.53 35.40
C LEU B 126 43.97 11.37 35.82
N ARG B 127 44.97 10.99 35.01
CA ARG B 127 45.58 9.61 35.10
C ARG B 127 45.87 9.23 36.57
N GLU B 128 46.50 10.10 37.36
CA GLU B 128 46.91 9.81 38.76
C GLU B 128 46.10 10.69 39.72
N ASN B 129 45.62 11.83 39.20
CA ASN B 129 45.26 13.09 39.91
C ASN B 129 43.94 12.99 40.67
N ALA B 130 43.21 11.89 40.53
CA ALA B 130 41.86 11.70 41.12
C ALA B 130 41.59 10.20 41.15
N GLU B 131 40.62 9.73 41.96
CA GLU B 131 40.31 8.27 42.05
C GLU B 131 38.78 8.11 42.16
N GLU B 132 38.27 7.03 41.54
CA GLU B 132 36.83 6.84 41.19
C GLU B 132 36.02 6.70 42.46
N ASP B 133 34.92 7.44 42.54
CA ASP B 133 33.94 7.40 43.64
C ASP B 133 33.22 6.05 43.59
N GLY B 134 32.51 5.80 42.49
CA GLY B 134 31.79 4.52 42.25
C GLY B 134 30.31 4.72 41.98
N ASN B 135 29.80 5.94 42.18
CA ASN B 135 28.42 6.36 41.79
C ASN B 135 28.53 7.16 40.49
N GLY B 136 29.58 6.87 39.70
CA GLY B 136 29.90 7.56 38.43
C GLY B 136 30.49 8.94 38.66
N CYS B 137 31.14 9.14 39.82
CA CYS B 137 31.78 10.42 40.26
C CYS B 137 33.30 10.23 40.35
N PHE B 138 34.06 11.26 40.00
CA PHE B 138 35.54 11.30 40.17
C PHE B 138 35.85 12.22 41.36
N GLU B 139 36.41 11.67 42.44
CA GLU B 139 36.88 12.49 43.59
C GLU B 139 38.30 12.96 43.26
N ILE B 140 38.51 14.27 43.20
CA ILE B 140 39.84 14.86 42.87
C ILE B 140 40.52 15.17 44.20
N PHE B 141 41.76 14.70 44.39
CA PHE B 141 42.63 15.02 45.54
C PHE B 141 42.90 16.52 45.55
N HIS B 142 43.24 17.10 44.38
CA HIS B 142 43.47 18.56 44.22
C HIS B 142 42.11 19.28 44.14
N GLN B 143 42.05 20.51 44.62
CA GLN B 143 40.86 21.39 44.49
C GLN B 143 40.81 21.85 43.04
N CYS B 144 39.61 22.03 42.52
CA CYS B 144 39.35 22.23 41.07
C CYS B 144 38.20 23.25 40.94
N ASP B 145 38.57 24.49 40.65
CA ASP B 145 37.65 25.65 40.49
C ASP B 145 36.94 25.53 39.13
N ASN B 146 36.11 26.51 38.79
CA ASN B 146 35.29 26.52 37.55
C ASN B 146 36.19 26.60 36.29
N ASP B 147 37.37 27.21 36.38
CA ASP B 147 38.38 27.25 35.30
C ASP B 147 38.99 25.85 35.10
N CYS B 148 39.26 25.14 36.19
CA CYS B 148 39.77 23.73 36.21
C CYS B 148 38.66 22.77 35.73
N MET B 149 37.39 23.03 36.08
CA MET B 149 36.21 22.23 35.64
C MET B 149 36.01 22.42 34.14
N ALA B 150 35.98 23.68 33.68
CA ALA B 150 35.80 24.05 32.24
C ALA B 150 36.88 23.39 31.39
N SER B 151 38.07 23.11 31.94
CA SER B 151 39.21 22.49 31.21
C SER B 151 38.99 20.98 31.01
N ILE B 152 38.34 20.28 31.94
CA ILE B 152 38.02 18.82 31.78
C ILE B 152 36.93 18.69 30.71
N ARG B 153 35.89 19.53 30.80
CA ARG B 153 34.75 19.60 29.84
C ARG B 153 35.22 20.16 28.48
N ASN B 154 35.96 21.28 28.49
CA ASN B 154 36.61 21.95 27.30
C ASN B 154 37.72 21.03 26.77
N ASN B 155 38.10 20.02 27.56
CA ASN B 155 39.05 18.92 27.23
C ASN B 155 40.41 19.50 26.84
N THR B 156 40.84 20.50 27.62
CA THR B 156 42.15 21.19 27.54
C THR B 156 42.97 20.85 28.79
N TYR B 157 42.35 20.17 29.77
CA TYR B 157 42.89 19.91 31.14
C TYR B 157 44.30 19.32 31.04
N ASP B 158 45.18 19.77 31.93
CA ASP B 158 46.59 19.34 32.02
C ASP B 158 46.76 18.57 33.34
N HIS B 159 46.82 17.24 33.27
CA HIS B 159 47.10 16.34 34.44
C HIS B 159 48.47 16.69 35.03
N LYS B 160 49.44 17.02 34.17
CA LYS B 160 50.85 17.32 34.53
C LYS B 160 50.85 18.43 35.61
N LYS B 161 49.98 19.43 35.43
CA LYS B 161 49.91 20.68 36.25
C LYS B 161 49.51 20.36 37.70
N TYR B 162 48.53 19.49 37.94
CA TYR B 162 47.96 19.26 39.30
C TYR B 162 48.43 17.93 39.87
N ARG B 163 49.15 17.10 39.09
CA ARG B 163 49.65 15.77 39.56
C ARG B 163 50.50 16.01 40.80
N LYS B 164 51.26 17.11 40.82
CA LYS B 164 52.18 17.52 41.91
C LYS B 164 51.44 17.39 43.25
N GLU B 165 50.41 18.21 43.48
CA GLU B 165 49.72 18.35 44.80
C GLU B 165 48.76 17.18 45.05
N ALA B 166 48.21 16.61 43.99
CA ALA B 166 47.20 15.53 44.07
C ALA B 166 47.86 14.21 44.47
N ILE B 167 48.91 13.78 43.75
CA ILE B 167 49.58 12.47 43.97
C ILE B 167 50.06 12.38 45.43
N GLN B 168 50.71 13.45 45.92
CA GLN B 168 51.37 13.51 47.26
C GLN B 168 50.26 13.57 48.33
N ASN B 169 49.08 14.05 47.93
CA ASN B 169 47.84 13.99 48.74
C ASN B 169 47.20 12.60 48.55
N ARG B 170 48.02 11.53 48.65
CA ARG B 170 47.64 10.12 48.33
C ARG B 170 46.26 9.82 48.94
#